data_2PLI
#
_entry.id   2PLI
#
_cell.length_a   53.718
_cell.length_b   67.991
_cell.length_c   129.044
_cell.angle_alpha   90.00
_cell.angle_beta   90.00
_cell.angle_gamma   90.00
#
_symmetry.space_group_name_H-M   'P 21 21 21'
#
loop_
_entity.id
_entity.type
_entity.pdbx_description
1 polymer 'Uncharacterized protein'
2 non-polymer 'ZINC ION'
3 non-polymer GLYCEROL
4 non-polymer 'ACETATE ION'
5 water water
#
_entity_poly.entity_id   1
_entity_poly.type   'polypeptide(L)'
_entity_poly.pdbx_seq_one_letter_code
;SNADEDDSADNIHAVSSERWRIHAATEIEDINTFFGTEYSSEEADTIGGLVIQELGHLPVRGEKVLIGGLQFTVARADNR
RLHTL(MSE)ATRVK
;
_entity_poly.pdbx_strand_id   A,B,C,D
#
# COMPACT_ATOMS: atom_id res chain seq x y z
N SER A 8 -3.86 -4.22 -12.41
CA SER A 8 -3.66 -2.95 -11.64
C SER A 8 -2.33 -3.04 -10.90
N ALA A 9 -1.97 -1.99 -10.15
CA ALA A 9 -0.68 -2.00 -9.44
C ALA A 9 -0.85 -2.46 -7.97
N ASP A 10 -2.06 -2.83 -7.59
CA ASP A 10 -2.37 -3.23 -6.22
C ASP A 10 -1.67 -4.56 -5.90
N ASN A 11 -0.89 -4.64 -4.82
CA ASN A 11 -0.39 -5.97 -4.45
C ASN A 11 -1.53 -6.83 -3.90
N ILE A 12 -2.55 -6.17 -3.33
CA ILE A 12 -3.77 -6.82 -2.85
C ILE A 12 -4.92 -6.19 -3.60
N HIS A 13 -5.43 -6.88 -4.62
CA HIS A 13 -6.35 -6.28 -5.58
C HIS A 13 -7.71 -6.85 -5.41
N ALA A 14 -8.69 -6.03 -5.11
CA ALA A 14 -10.04 -6.54 -4.97
C ALA A 14 -10.61 -6.76 -6.37
N VAL A 15 -10.88 -8.01 -6.72
CA VAL A 15 -11.49 -8.32 -8.00
C VAL A 15 -13.00 -8.11 -7.94
N SER A 16 -13.52 -8.25 -6.72
CA SER A 16 -14.84 -7.83 -6.30
C SER A 16 -14.81 -7.50 -4.82
N SER A 17 -15.94 -7.06 -4.27
CA SER A 17 -15.89 -6.54 -2.91
C SER A 17 -15.35 -7.55 -1.89
N GLU A 18 -15.60 -8.85 -2.11
CA GLU A 18 -15.16 -9.88 -1.16
C GLU A 18 -14.18 -10.94 -1.69
N ARG A 19 -13.39 -10.60 -2.68
CA ARG A 19 -12.40 -11.52 -3.23
C ARG A 19 -11.22 -10.73 -3.71
N TRP A 20 -10.03 -11.22 -3.41
CA TRP A 20 -8.80 -10.49 -3.65
C TRP A 20 -7.75 -11.32 -4.36
N ARG A 21 -7.12 -10.74 -5.37
CA ARG A 21 -5.99 -11.38 -6.00
C ARG A 21 -4.74 -10.78 -5.38
N ILE A 22 -3.87 -11.63 -4.84
CA ILE A 22 -2.75 -11.13 -4.02
C ILE A 22 -1.39 -11.60 -4.58
N HIS A 23 -0.50 -10.64 -4.77
N HIS A 23 -0.49 -10.64 -4.76
CA HIS A 23 0.88 -10.93 -5.15
CA HIS A 23 0.87 -10.90 -5.17
C HIS A 23 1.50 -11.69 -4.00
C HIS A 23 1.55 -11.65 -4.02
N ALA A 24 2.13 -12.81 -4.30
CA ALA A 24 2.75 -13.60 -3.25
C ALA A 24 3.84 -12.88 -2.45
N ALA A 25 4.48 -11.92 -3.08
CA ALA A 25 5.57 -11.18 -2.46
C ALA A 25 5.10 -10.10 -1.47
N THR A 26 3.77 -9.95 -1.31
CA THR A 26 3.18 -8.99 -0.37
C THR A 26 3.66 -9.33 1.06
N GLU A 27 4.15 -8.33 1.77
CA GLU A 27 4.67 -8.55 3.10
C GLU A 27 3.56 -8.85 4.07
N ILE A 28 3.91 -9.81 4.95
CA ILE A 28 2.89 -10.24 5.91
C ILE A 28 2.29 -9.08 6.70
N GLU A 29 3.11 -8.08 7.06
CA GLU A 29 2.58 -6.93 7.79
C GLU A 29 1.57 -6.13 7.00
N ASP A 30 1.76 -6.07 5.69
CA ASP A 30 0.82 -5.37 4.83
C ASP A 30 -0.48 -6.14 4.63
N ILE A 31 -0.47 -7.50 4.66
CA ILE A 31 -1.64 -8.36 4.72
C ILE A 31 -2.41 -8.08 6.01
N ASN A 32 -1.67 -7.94 7.11
CA ASN A 32 -2.32 -7.76 8.40
C ASN A 32 -3.07 -6.44 8.47
N THR A 33 -2.47 -5.39 7.93
CA THR A 33 -3.13 -4.08 7.91
C THR A 33 -4.39 -4.15 7.08
N PHE A 34 -4.29 -4.83 5.94
CA PHE A 34 -5.40 -4.88 4.99
C PHE A 34 -6.58 -5.64 5.52
N PHE A 35 -6.31 -6.78 6.18
CA PHE A 35 -7.37 -7.69 6.57
C PHE A 35 -7.69 -7.67 8.05
N GLY A 36 -6.88 -7.02 8.85
CA GLY A 36 -7.04 -7.08 10.31
C GLY A 36 -6.65 -8.42 10.94
N THR A 37 -5.87 -9.21 10.20
CA THR A 37 -5.28 -10.46 10.66
C THR A 37 -4.05 -10.17 11.54
N GLU A 38 -3.58 -11.20 12.23
CA GLU A 38 -2.41 -11.09 13.07
C GLU A 38 -1.44 -12.23 12.77
N TYR A 39 -1.23 -12.46 11.48
CA TYR A 39 -0.29 -13.45 11.04
C TYR A 39 1.11 -13.07 11.44
N SER A 40 1.89 -14.09 11.71
CA SER A 40 3.24 -13.89 12.14
C SER A 40 3.94 -15.20 11.87
N SER A 41 5.16 -15.13 11.39
CA SER A 41 5.96 -16.33 11.20
C SER A 41 7.35 -16.04 11.71
N GLU A 42 8.00 -17.06 12.22
CA GLU A 42 9.38 -16.95 12.56
C GLU A 42 10.23 -17.01 11.29
N GLU A 43 9.72 -17.69 10.27
CA GLU A 43 10.51 -18.09 9.10
C GLU A 43 10.01 -17.53 7.77
N ALA A 44 8.85 -16.86 7.77
CA ALA A 44 8.25 -16.26 6.56
C ALA A 44 8.07 -14.77 6.74
N ASP A 45 8.32 -14.03 5.68
CA ASP A 45 8.09 -12.59 5.68
C ASP A 45 7.01 -12.08 4.71
N THR A 46 6.62 -12.97 3.79
CA THR A 46 5.61 -12.66 2.78
C THR A 46 4.44 -13.64 2.86
N ILE A 47 3.34 -13.27 2.21
CA ILE A 47 2.16 -14.12 2.27
C ILE A 47 2.43 -15.43 1.53
N GLY A 48 3.16 -15.38 0.42
CA GLY A 48 3.56 -16.60 -0.30
C GLY A 48 4.37 -17.54 0.61
N GLY A 49 5.31 -16.95 1.35
CA GLY A 49 6.09 -17.70 2.32
C GLY A 49 5.25 -18.34 3.40
N LEU A 50 4.23 -17.62 3.87
CA LEU A 50 3.35 -18.14 4.87
C LEU A 50 2.48 -19.30 4.34
N VAL A 51 1.98 -19.16 3.12
CA VAL A 51 1.25 -20.26 2.47
C VAL A 51 2.12 -21.48 2.34
N ILE A 52 3.35 -21.31 1.90
CA ILE A 52 4.28 -22.44 1.73
C ILE A 52 4.54 -23.09 3.10
N GLN A 53 4.72 -22.29 4.14
CA GLN A 53 4.89 -22.80 5.52
C GLN A 53 3.72 -23.66 5.95
N GLU A 54 2.50 -23.16 5.74
CA GLU A 54 1.30 -23.84 6.20
C GLU A 54 0.96 -25.08 5.39
N LEU A 55 1.23 -25.05 4.09
CA LEU A 55 1.08 -26.27 3.25
C LEU A 55 2.23 -27.25 3.38
N GLY A 56 3.41 -26.78 3.76
CA GLY A 56 4.58 -27.66 3.92
C GLY A 56 5.50 -27.79 2.72
N HIS A 57 5.08 -27.20 1.59
CA HIS A 57 5.80 -27.36 0.33
C HIS A 57 5.36 -26.29 -0.63
N LEU A 58 6.12 -26.15 -1.74
CA LEU A 58 5.75 -25.24 -2.82
C LEU A 58 4.55 -25.82 -3.55
N PRO A 59 3.39 -25.16 -3.44
CA PRO A 59 2.19 -25.71 -4.03
C PRO A 59 2.01 -25.44 -5.53
N VAL A 60 1.07 -26.17 -6.11
CA VAL A 60 0.68 -25.95 -7.49
C VAL A 60 -0.64 -25.20 -7.56
N ARG A 61 -0.95 -24.66 -8.73
CA ARG A 61 -2.22 -23.96 -8.94
CA ARG A 61 -2.22 -23.95 -8.92
C ARG A 61 -3.40 -24.81 -8.44
N GLY A 62 -4.33 -24.18 -7.75
CA GLY A 62 -5.52 -24.84 -7.28
C GLY A 62 -5.43 -25.30 -5.85
N GLU A 63 -4.23 -25.43 -5.29
CA GLU A 63 -4.13 -25.83 -3.87
C GLU A 63 -4.64 -24.72 -2.97
N LYS A 64 -5.30 -25.11 -1.89
CA LYS A 64 -5.87 -24.14 -0.99
C LYS A 64 -5.39 -24.39 0.43
N VAL A 65 -5.35 -23.30 1.19
CA VAL A 65 -5.06 -23.34 2.60
C VAL A 65 -5.86 -22.31 3.37
N LEU A 66 -6.43 -22.73 4.50
CA LEU A 66 -7.08 -21.80 5.42
C LEU A 66 -6.11 -21.34 6.49
N ILE A 67 -5.94 -20.03 6.63
CA ILE A 67 -5.07 -19.48 7.66
C ILE A 67 -5.86 -18.40 8.37
N GLY A 68 -6.15 -18.61 9.64
CA GLY A 68 -7.02 -17.69 10.31
C GLY A 68 -8.35 -17.70 9.59
N GLY A 69 -8.91 -16.53 9.35
CA GLY A 69 -10.25 -16.47 8.76
C GLY A 69 -10.23 -16.25 7.26
N LEU A 70 -9.08 -16.53 6.63
CA LEU A 70 -8.93 -16.34 5.19
C LEU A 70 -8.56 -17.66 4.51
N GLN A 71 -9.15 -17.90 3.34
CA GLN A 71 -8.79 -19.03 2.48
C GLN A 71 -7.97 -18.49 1.34
N PHE A 72 -6.81 -19.09 1.11
CA PHE A 72 -5.93 -18.69 0.02
C PHE A 72 -5.88 -19.85 -0.94
N THR A 73 -6.15 -19.59 -2.20
CA THR A 73 -6.00 -20.60 -3.23
C THR A 73 -4.88 -20.18 -4.14
N VAL A 74 -4.02 -21.10 -4.53
CA VAL A 74 -2.94 -20.76 -5.46
C VAL A 74 -3.44 -20.47 -6.85
N ALA A 75 -3.18 -19.27 -7.38
CA ALA A 75 -3.59 -18.85 -8.74
C ALA A 75 -2.52 -18.94 -9.81
N ARG A 76 -1.27 -18.64 -9.42
CA ARG A 76 -0.15 -18.82 -10.34
C ARG A 76 1.03 -19.31 -9.56
N ALA A 77 1.60 -20.41 -10.02
CA ALA A 77 2.82 -20.95 -9.41
C ALA A 77 3.53 -21.80 -10.44
N ASP A 78 4.81 -21.97 -10.22
CA ASP A 78 5.60 -22.86 -11.08
C ASP A 78 6.58 -23.67 -10.23
N ASN A 79 7.51 -24.35 -10.90
N ASN A 79 7.52 -24.38 -10.83
CA ASN A 79 8.48 -25.21 -10.23
CA ASN A 79 8.34 -25.29 -10.03
C ASN A 79 9.48 -24.45 -9.39
C ASN A 79 9.29 -24.58 -9.08
N ARG A 80 9.53 -23.13 -9.57
N ARG A 80 9.45 -23.27 -9.23
CA ARG A 80 10.43 -22.28 -8.78
CA ARG A 80 10.38 -22.51 -8.40
C ARG A 80 9.76 -21.55 -7.62
C ARG A 80 9.74 -21.51 -7.49
N ARG A 81 8.62 -20.93 -7.90
CA ARG A 81 8.01 -19.93 -7.08
C ARG A 81 6.50 -19.93 -7.09
N LEU A 82 5.94 -19.48 -5.98
CA LEU A 82 4.51 -19.20 -5.88
C LEU A 82 4.41 -17.70 -6.16
N HIS A 83 3.60 -17.36 -7.16
CA HIS A 83 3.47 -16.00 -7.62
C HIS A 83 2.20 -15.24 -7.20
N THR A 84 1.04 -15.89 -7.24
CA THR A 84 -0.24 -15.24 -7.00
C THR A 84 -1.18 -16.13 -6.27
N LEU A 85 -1.96 -15.50 -5.39
CA LEU A 85 -2.99 -16.16 -4.59
C LEU A 85 -4.34 -15.47 -4.85
N ALA A 87 -7.74 -14.90 -2.54
CA ALA A 87 -8.20 -15.03 -1.14
C ALA A 87 -9.66 -14.68 -1.02
N THR A 88 -10.32 -15.38 -0.09
CA THR A 88 -11.69 -15.02 0.30
C THR A 88 -11.78 -15.28 1.79
N ARG A 89 -12.77 -14.65 2.42
N ARG A 89 -12.75 -14.69 2.45
CA ARG A 89 -13.04 -14.86 3.85
CA ARG A 89 -12.92 -15.00 3.86
C ARG A 89 -13.74 -16.21 4.11
C ARG A 89 -13.56 -16.37 4.04
N VAL A 90 -13.26 -16.94 5.10
N VAL A 90 -13.30 -16.99 5.17
CA VAL A 90 -13.84 -18.24 5.47
CA VAL A 90 -13.83 -18.32 5.40
C VAL A 90 -15.29 -18.03 5.84
C VAL A 90 -15.23 -18.14 5.96
N LYS A 91 -16.15 -18.97 5.49
CA LYS A 91 -17.57 -18.91 5.88
C LYS A 91 -17.99 -19.85 7.03
N ALA B 9 6.59 -6.66 -3.79
CA ALA B 9 5.24 -6.22 -4.19
C ALA B 9 5.04 -4.72 -3.92
N ASP B 10 6.11 -4.00 -3.57
CA ASP B 10 5.99 -2.56 -3.13
C ASP B 10 6.07 -1.56 -4.27
N ASN B 11 5.11 -0.65 -4.34
CA ASN B 11 5.07 0.31 -5.44
C ASN B 11 5.95 1.52 -5.24
N ILE B 12 6.15 1.91 -3.97
CA ILE B 12 7.03 3.01 -3.59
C ILE B 12 8.12 2.42 -2.73
N HIS B 13 9.32 2.27 -3.30
CA HIS B 13 10.50 1.65 -2.67
C HIS B 13 11.40 2.73 -2.09
N ALA B 14 11.69 2.73 -0.81
CA ALA B 14 12.73 3.69 -0.33
C ALA B 14 14.12 3.09 -0.60
N VAL B 15 14.89 3.78 -1.41
CA VAL B 15 16.25 3.35 -1.70
C VAL B 15 17.21 3.85 -0.65
N SER B 16 16.91 5.00 -0.09
CA SER B 16 17.55 5.55 1.08
C SER B 16 16.47 6.36 1.76
N SER B 17 16.78 6.97 2.88
CA SER B 17 15.72 7.57 3.67
C SER B 17 15.04 8.70 2.91
N GLU B 18 15.80 9.39 2.05
N GLU B 18 15.76 9.44 2.07
CA GLU B 18 15.34 10.59 1.36
CA GLU B 18 15.17 10.57 1.37
C GLU B 18 15.18 10.44 -0.16
C GLU B 18 15.19 10.44 -0.16
N ARG B 19 15.12 9.19 -0.63
CA ARG B 19 15.05 8.92 -2.06
C ARG B 19 14.22 7.67 -2.35
N TRP B 20 13.32 7.77 -3.31
CA TRP B 20 12.35 6.70 -3.53
C TRP B 20 12.30 6.33 -4.97
N ARG B 21 12.18 5.03 -5.23
CA ARG B 21 12.02 4.49 -6.56
C ARG B 21 10.56 4.08 -6.66
N ILE B 22 9.85 4.64 -7.63
CA ILE B 22 8.40 4.51 -7.66
C ILE B 22 7.96 3.93 -8.98
N HIS B 23 7.09 2.92 -8.91
CA HIS B 23 6.46 2.40 -10.07
C HIS B 23 5.55 3.43 -10.70
N ALA B 24 5.69 3.64 -11.99
CA ALA B 24 4.85 4.62 -12.66
C ALA B 24 3.34 4.33 -12.53
N ALA B 25 2.93 3.07 -12.36
CA ALA B 25 1.49 2.72 -12.22
C ALA B 25 0.86 3.04 -10.87
N THR B 26 1.67 3.50 -9.93
CA THR B 26 1.22 3.79 -8.57
C THR B 26 0.10 4.84 -8.66
N GLU B 27 -1.03 4.59 -7.99
CA GLU B 27 -2.16 5.53 -8.04
C GLU B 27 -1.85 6.82 -7.30
N ILE B 28 -2.32 7.93 -7.88
CA ILE B 28 -2.00 9.25 -7.39
C ILE B 28 -2.41 9.39 -5.93
N GLU B 29 -3.57 8.82 -5.53
CA GLU B 29 -4.00 8.94 -4.16
C GLU B 29 -3.02 8.25 -3.22
N ASP B 30 -2.40 7.17 -3.68
CA ASP B 30 -1.41 6.48 -2.84
C ASP B 30 -0.10 7.28 -2.68
N ILE B 31 0.28 8.00 -3.74
CA ILE B 31 1.40 8.92 -3.68
C ILE B 31 1.10 9.97 -2.60
N ASN B 32 -0.09 10.56 -2.66
CA ASN B 32 -0.54 11.59 -1.71
C ASN B 32 -0.50 11.10 -0.26
N THR B 33 -1.02 9.88 -0.02
CA THR B 33 -0.96 9.30 1.32
C THR B 33 0.50 9.20 1.81
N PHE B 34 1.36 8.70 0.94
CA PHE B 34 2.76 8.42 1.29
C PHE B 34 3.56 9.68 1.58
N PHE B 35 3.36 10.71 0.78
CA PHE B 35 4.17 11.93 0.84
C PHE B 35 3.49 13.14 1.50
N GLY B 36 2.17 13.08 1.68
CA GLY B 36 1.42 14.21 2.23
C GLY B 36 1.10 15.27 1.17
N THR B 37 1.27 14.91 -0.11
CA THR B 37 1.04 15.80 -1.25
C THR B 37 -0.44 15.81 -1.55
N GLU B 38 -0.86 16.70 -2.45
N GLU B 38 -0.85 16.74 -2.43
CA GLU B 38 -2.29 16.85 -2.78
CA GLU B 38 -2.24 16.93 -2.83
C GLU B 38 -2.50 16.85 -4.30
C GLU B 38 -2.33 17.01 -4.35
N TYR B 39 -1.73 16.02 -5.00
CA TYR B 39 -1.80 15.96 -6.44
C TYR B 39 -3.18 15.52 -6.91
N SER B 40 -3.58 16.09 -8.04
CA SER B 40 -4.81 15.69 -8.65
C SER B 40 -4.72 15.90 -10.16
N SER B 41 -5.56 15.18 -10.89
CA SER B 41 -5.60 15.32 -12.32
C SER B 41 -6.91 14.72 -12.77
N GLU B 42 -7.49 15.33 -13.81
CA GLU B 42 -8.69 14.83 -14.42
C GLU B 42 -8.32 14.02 -15.65
N GLU B 43 -7.03 13.99 -15.99
CA GLU B 43 -6.58 13.26 -17.17
C GLU B 43 -5.74 12.04 -16.81
N ALA B 44 -5.32 11.94 -15.55
CA ALA B 44 -4.45 10.85 -15.11
C ALA B 44 -4.85 10.31 -13.73
N ASP B 45 -4.58 9.01 -13.57
N ASP B 45 -4.68 9.02 -13.45
CA ASP B 45 -4.93 8.26 -12.37
CA ASP B 45 -4.82 8.57 -12.03
C ASP B 45 -3.70 7.71 -11.66
C ASP B 45 -3.59 7.87 -11.51
N THR B 46 -2.53 7.81 -12.32
CA THR B 46 -1.26 7.24 -11.82
C THR B 46 -0.21 8.32 -11.83
N ILE B 47 0.86 8.07 -11.08
CA ILE B 47 1.95 9.04 -11.04
C ILE B 47 2.68 9.16 -12.39
N GLY B 48 2.89 8.05 -13.06
CA GLY B 48 3.39 8.09 -14.44
C GLY B 48 2.51 8.93 -15.36
N GLY B 49 1.19 8.73 -15.29
CA GLY B 49 0.26 9.57 -16.05
C GLY B 49 0.43 11.03 -15.76
N LEU B 50 0.59 11.37 -14.48
CA LEU B 50 0.78 12.78 -14.11
C LEU B 50 2.09 13.35 -14.68
N VAL B 51 3.17 12.57 -14.59
CA VAL B 51 4.44 13.02 -15.14
C VAL B 51 4.36 13.26 -16.66
N ILE B 52 3.69 12.35 -17.35
CA ILE B 52 3.49 12.50 -18.77
C ILE B 52 2.68 13.78 -19.06
N GLN B 53 1.62 14.03 -18.26
CA GLN B 53 0.80 15.23 -18.41
C GLN B 53 1.68 16.48 -18.26
N GLU B 54 2.50 16.49 -17.22
CA GLU B 54 3.31 17.66 -16.94
C GLU B 54 4.32 17.91 -18.01
N LEU B 55 4.92 16.85 -18.51
CA LEU B 55 5.97 16.97 -19.50
C LEU B 55 5.42 17.14 -20.91
N GLY B 56 4.16 16.78 -21.11
CA GLY B 56 3.49 16.91 -22.39
C GLY B 56 3.84 15.89 -23.42
N HIS B 57 4.50 14.82 -23.00
CA HIS B 57 4.96 13.76 -23.89
C HIS B 57 5.51 12.60 -23.05
N LEU B 58 5.67 11.45 -23.71
CA LEU B 58 6.33 10.28 -23.10
C LEU B 58 7.83 10.55 -22.99
N PRO B 59 8.33 10.64 -21.76
CA PRO B 59 9.67 11.10 -21.62
C PRO B 59 10.72 10.02 -21.72
N VAL B 60 11.97 10.46 -21.74
CA VAL B 60 13.12 9.59 -21.69
C VAL B 60 13.79 9.70 -20.33
N ARG B 61 14.63 8.69 -20.05
CA ARG B 61 15.41 8.66 -18.84
C ARG B 61 16.15 9.97 -18.63
N GLY B 62 16.11 10.48 -17.41
CA GLY B 62 16.77 11.73 -17.05
C GLY B 62 15.91 12.97 -17.01
N GLU B 63 14.73 12.92 -17.62
CA GLU B 63 13.83 14.05 -17.58
C GLU B 63 13.27 14.19 -16.18
N LYS B 64 13.01 15.43 -15.78
CA LYS B 64 12.63 15.78 -14.44
C LYS B 64 11.35 16.62 -14.45
N VAL B 65 10.56 16.46 -13.39
CA VAL B 65 9.34 17.20 -13.17
C VAL B 65 9.32 17.59 -11.70
N LEU B 66 9.18 18.87 -11.40
CA LEU B 66 9.01 19.32 -10.05
C LEU B 66 7.54 19.66 -9.81
N ILE B 67 6.91 19.03 -8.84
CA ILE B 67 5.53 19.38 -8.47
C ILE B 67 5.31 19.14 -7.01
N GLY B 68 4.65 20.07 -6.33
N GLY B 68 4.61 20.07 -6.38
CA GLY B 68 4.22 19.83 -4.95
CA GLY B 68 4.56 20.13 -4.95
C GLY B 68 5.36 19.55 -3.97
C GLY B 68 5.99 20.33 -4.52
N GLY B 69 6.56 20.04 -4.27
N GLY B 69 6.38 19.67 -3.44
CA GLY B 69 7.70 19.93 -3.36
CA GLY B 69 7.74 19.77 -3.00
C GLY B 69 8.45 18.62 -3.44
C GLY B 69 8.62 18.64 -3.49
N LEU B 70 8.19 17.89 -4.51
CA LEU B 70 8.91 16.68 -4.89
C LEU B 70 9.42 16.83 -6.29
N GLN B 71 10.60 16.27 -6.55
CA GLN B 71 11.20 16.24 -7.87
C GLN B 71 11.16 14.80 -8.33
N PHE B 72 10.49 14.54 -9.45
CA PHE B 72 10.43 13.20 -10.05
C PHE B 72 11.38 13.14 -11.23
N THR B 73 12.30 12.17 -11.23
CA THR B 73 13.24 12.02 -12.34
C THR B 73 12.85 10.71 -12.98
N VAL B 74 12.82 10.67 -14.30
CA VAL B 74 12.51 9.44 -15.04
C VAL B 74 13.70 8.52 -14.97
N ALA B 75 13.48 7.38 -14.33
CA ALA B 75 14.53 6.39 -14.11
C ALA B 75 14.54 5.37 -15.25
N ARG B 76 13.36 4.95 -15.71
CA ARG B 76 13.26 4.01 -16.81
C ARG B 76 12.06 4.32 -17.65
N ALA B 77 12.28 4.49 -18.96
CA ALA B 77 11.18 4.59 -19.91
C ALA B 77 11.66 4.28 -21.33
N ASP B 78 10.84 3.55 -22.07
CA ASP B 78 11.15 3.22 -23.46
C ASP B 78 10.17 3.90 -24.42
N ASN B 79 9.95 3.27 -25.57
CA ASN B 79 9.17 3.88 -26.63
C ASN B 79 7.67 3.60 -26.48
N ARG B 80 7.33 2.74 -25.52
CA ARG B 80 5.93 2.44 -25.24
C ARG B 80 5.47 2.84 -23.84
N ARG B 81 6.35 2.77 -22.84
CA ARG B 81 5.91 3.02 -21.45
C ARG B 81 6.90 3.75 -20.61
N LEU B 82 6.37 4.49 -19.66
CA LEU B 82 7.18 5.09 -18.61
C LEU B 82 7.06 4.10 -17.46
N HIS B 83 8.19 3.59 -16.95
CA HIS B 83 8.19 2.48 -15.98
C HIS B 83 8.44 2.94 -14.57
N THR B 84 9.44 3.81 -14.37
CA THR B 84 9.96 4.06 -13.05
C THR B 84 10.40 5.50 -12.91
N LEU B 85 10.07 6.08 -11.77
CA LEU B 85 10.50 7.42 -11.39
C LEU B 85 11.37 7.32 -10.17
N ALA B 87 12.14 9.76 -6.93
CA ALA B 87 11.70 10.98 -6.32
C ALA B 87 12.67 11.39 -5.21
N THR B 88 12.85 12.71 -5.09
CA THR B 88 13.50 13.33 -3.95
C THR B 88 12.68 14.58 -3.58
N ARG B 89 12.85 15.07 -2.35
CA ARG B 89 12.21 16.33 -1.93
C ARG B 89 13.03 17.54 -2.37
N VAL B 90 12.37 18.59 -2.84
CA VAL B 90 13.09 19.81 -3.16
C VAL B 90 13.44 20.63 -1.91
N ASP C 10 -7.97 0.88 -11.76
CA ASP C 10 -9.18 0.54 -10.96
C ASP C 10 -9.92 1.79 -10.41
N ASN C 11 -11.15 1.97 -10.88
CA ASN C 11 -12.02 3.01 -10.38
C ASN C 11 -12.49 2.70 -8.97
N ILE C 12 -12.40 1.43 -8.57
CA ILE C 12 -12.76 0.99 -7.24
C ILE C 12 -11.54 0.23 -6.69
N HIS C 13 -10.88 0.89 -5.75
CA HIS C 13 -9.61 0.42 -5.17
C HIS C 13 -9.85 0.11 -3.71
N ALA C 14 -9.53 -1.10 -3.29
CA ALA C 14 -9.60 -1.46 -1.84
C ALA C 14 -8.41 -0.88 -1.09
N VAL C 15 -8.70 0.08 -0.22
N VAL C 15 -8.67 0.06 -0.19
CA VAL C 15 -7.72 0.61 0.72
CA VAL C 15 -7.62 0.54 0.72
C VAL C 15 -7.40 -0.45 1.79
C VAL C 15 -7.38 -0.43 1.87
N SER C 16 -8.46 -1.10 2.27
CA SER C 16 -8.41 -2.23 3.17
C SER C 16 -9.57 -3.15 2.77
N SER C 17 -9.70 -4.28 3.44
CA SER C 17 -10.63 -5.32 2.98
C SER C 17 -12.07 -4.84 2.95
N GLU C 18 -12.42 -3.87 3.83
CA GLU C 18 -13.77 -3.39 3.96
C GLU C 18 -13.92 -1.89 3.71
N ARG C 19 -12.98 -1.27 3.00
CA ARG C 19 -13.04 0.14 2.71
C ARG C 19 -12.44 0.41 1.38
N TRP C 20 -13.20 1.12 0.53
CA TRP C 20 -12.87 1.31 -0.88
C TRP C 20 -12.81 2.75 -1.29
N ARG C 21 -11.78 3.08 -2.05
CA ARG C 21 -11.59 4.40 -2.62
C ARG C 21 -12.17 4.36 -4.03
N ILE C 22 -13.09 5.27 -4.31
CA ILE C 22 -13.88 5.22 -5.53
C ILE C 22 -13.88 6.56 -6.22
N HIS C 23 -13.48 6.55 -7.48
CA HIS C 23 -13.55 7.73 -8.33
C HIS C 23 -15.02 8.15 -8.46
N ALA C 24 -15.30 9.43 -8.29
CA ALA C 24 -16.67 9.89 -8.43
C ALA C 24 -17.28 9.59 -9.82
N ALA C 25 -16.44 9.55 -10.86
CA ALA C 25 -16.96 9.36 -12.23
C ALA C 25 -17.30 7.91 -12.53
N THR C 26 -17.07 6.99 -11.58
CA THR C 26 -17.36 5.58 -11.75
C THR C 26 -18.84 5.40 -12.12
N GLU C 27 -19.06 4.67 -13.21
CA GLU C 27 -20.41 4.37 -13.65
C GLU C 27 -21.16 3.57 -12.56
N ILE C 28 -22.44 3.87 -12.35
CA ILE C 28 -23.26 3.17 -11.34
C ILE C 28 -23.26 1.64 -11.62
N GLU C 29 -23.31 1.25 -12.89
N GLU C 29 -23.33 1.22 -12.88
CA GLU C 29 -23.29 -0.16 -13.28
CA GLU C 29 -23.34 -0.21 -13.17
C GLU C 29 -22.06 -0.91 -12.75
C GLU C 29 -22.04 -0.92 -12.73
N ASP C 30 -20.92 -0.21 -12.74
CA ASP C 30 -19.67 -0.76 -12.28
C ASP C 30 -19.67 -0.92 -10.75
N ILE C 31 -20.32 0.01 -10.08
CA ILE C 31 -20.50 -0.13 -8.63
C ILE C 31 -21.31 -1.40 -8.38
N ASN C 32 -22.38 -1.58 -9.12
CA ASN C 32 -23.26 -2.75 -8.94
C ASN C 32 -22.51 -4.06 -9.19
N THR C 33 -21.69 -4.10 -10.23
CA THR C 33 -20.92 -5.31 -10.54
C THR C 33 -20.01 -5.68 -9.39
N PHE C 34 -19.29 -4.70 -8.86
CA PHE C 34 -18.26 -4.95 -7.82
C PHE C 34 -18.90 -5.31 -6.48
N PHE C 35 -20.00 -4.64 -6.13
CA PHE C 35 -20.62 -4.80 -4.81
C PHE C 35 -21.86 -5.70 -4.72
N GLY C 36 -22.46 -5.99 -5.86
CA GLY C 36 -23.78 -6.64 -5.90
C GLY C 36 -24.97 -5.80 -5.46
N THR C 37 -24.78 -4.50 -5.51
CA THR C 37 -25.84 -3.50 -5.33
C THR C 37 -26.69 -3.46 -6.60
N GLU C 38 -27.83 -2.77 -6.50
CA GLU C 38 -28.83 -2.70 -7.55
C GLU C 38 -29.26 -1.25 -7.74
N TYR C 39 -28.29 -0.36 -7.61
CA TYR C 39 -28.56 1.06 -7.84
C TYR C 39 -28.99 1.31 -9.28
N SER C 40 -29.88 2.28 -9.48
CA SER C 40 -30.40 2.60 -10.79
C SER C 40 -29.85 3.91 -11.34
N SER C 41 -29.90 4.04 -12.66
CA SER C 41 -29.29 5.17 -13.37
C SER C 41 -30.33 5.99 -14.11
N GLU C 42 -31.48 6.20 -13.49
CA GLU C 42 -32.56 6.95 -14.10
C GLU C 42 -32.28 8.44 -14.19
N GLU C 43 -31.41 8.93 -13.33
CA GLU C 43 -31.11 10.36 -13.29
C GLU C 43 -29.57 10.43 -13.33
N ALA C 44 -28.90 10.44 -12.20
CA ALA C 44 -27.43 10.34 -12.22
C ALA C 44 -27.01 9.02 -12.86
N ASP C 45 -25.91 9.00 -13.60
CA ASP C 45 -25.36 7.71 -14.00
C ASP C 45 -23.96 7.39 -13.50
N THR C 46 -23.43 8.23 -12.62
CA THR C 46 -22.14 8.01 -11.96
C THR C 46 -22.41 8.00 -10.48
N ILE C 47 -21.49 7.36 -9.76
CA ILE C 47 -21.68 7.24 -8.28
C ILE C 47 -21.58 8.60 -7.61
N GLY C 48 -20.72 9.48 -8.13
CA GLY C 48 -20.64 10.85 -7.57
C GLY C 48 -21.95 11.58 -7.83
N GLY C 49 -22.50 11.41 -9.01
CA GLY C 49 -23.80 12.00 -9.30
C GLY C 49 -24.89 11.48 -8.38
N LEU C 50 -24.89 10.16 -8.14
CA LEU C 50 -25.87 9.54 -7.24
C LEU C 50 -25.78 10.05 -5.80
N VAL C 51 -24.56 10.23 -5.32
CA VAL C 51 -24.36 10.83 -3.97
C VAL C 51 -24.98 12.25 -3.89
N ILE C 52 -24.66 13.08 -4.86
CA ILE C 52 -25.24 14.44 -4.93
C ILE C 52 -26.77 14.36 -4.99
N GLN C 53 -27.30 13.46 -5.82
CA GLN C 53 -28.74 13.25 -5.95
C GLN C 53 -29.42 12.81 -4.64
N GLU C 54 -28.77 11.92 -3.91
CA GLU C 54 -29.33 11.47 -2.66
C GLU C 54 -29.24 12.51 -1.57
N LEU C 55 -28.16 13.30 -1.54
CA LEU C 55 -28.02 14.35 -0.54
C LEU C 55 -28.87 15.55 -0.87
N GLY C 56 -29.03 15.83 -2.18
CA GLY C 56 -29.74 17.04 -2.62
C GLY C 56 -28.90 18.29 -2.82
N HIS C 57 -27.59 18.18 -2.60
CA HIS C 57 -26.64 19.23 -2.91
C HIS C 57 -25.23 18.65 -3.03
N LEU C 58 -24.33 19.49 -3.52
CA LEU C 58 -22.94 19.17 -3.66
C LEU C 58 -22.31 19.15 -2.27
N PRO C 59 -21.85 17.96 -1.84
CA PRO C 59 -21.32 17.84 -0.49
C PRO C 59 -19.87 18.27 -0.32
N VAL C 60 -19.49 18.46 0.96
CA VAL C 60 -18.11 18.77 1.33
C VAL C 60 -17.39 17.54 1.88
N ARG C 61 -16.07 17.63 2.02
CA ARG C 61 -15.32 16.53 2.60
C ARG C 61 -15.94 16.12 3.95
N GLY C 62 -16.13 14.81 4.09
CA GLY C 62 -16.68 14.25 5.32
C GLY C 62 -18.15 13.94 5.28
N GLU C 63 -18.88 14.50 4.34
CA GLU C 63 -20.33 14.19 4.25
C GLU C 63 -20.53 12.73 3.92
N LYS C 64 -21.60 12.14 4.45
CA LYS C 64 -21.83 10.70 4.29
C LYS C 64 -23.23 10.53 3.81
N VAL C 65 -23.40 9.56 2.93
CA VAL C 65 -24.72 9.14 2.58
C VAL C 65 -24.79 7.63 2.52
N LEU C 66 -25.85 7.12 3.14
CA LEU C 66 -26.16 5.71 3.12
C LEU C 66 -27.08 5.47 1.94
N ILE C 67 -26.66 4.54 1.07
CA ILE C 67 -27.40 4.19 -0.12
C ILE C 67 -27.43 2.68 -0.19
N GLY C 68 -28.62 2.14 0.07
CA GLY C 68 -28.69 0.70 0.18
C GLY C 68 -27.77 0.30 1.32
N GLY C 69 -26.97 -0.72 1.11
CA GLY C 69 -26.12 -1.26 2.19
C GLY C 69 -24.70 -0.75 2.22
N LEU C 70 -24.46 0.37 1.55
CA LEU C 70 -23.12 1.01 1.54
C LEU C 70 -23.21 2.42 2.08
N GLN C 71 -22.20 2.82 2.82
CA GLN C 71 -22.04 4.22 3.21
C GLN C 71 -20.92 4.83 2.36
N PHE C 72 -21.23 5.94 1.69
CA PHE C 72 -20.28 6.70 0.92
C PHE C 72 -19.89 7.95 1.67
N THR C 73 -18.60 8.15 1.88
CA THR C 73 -18.11 9.35 2.55
C THR C 73 -17.33 10.15 1.54
N VAL C 74 -17.56 11.47 1.52
CA VAL C 74 -16.90 12.30 0.55
C VAL C 74 -15.44 12.49 0.97
N ALA C 75 -14.52 12.11 0.10
CA ALA C 75 -13.09 12.19 0.39
C ALA C 75 -12.40 13.39 -0.24
N ARG C 76 -12.76 13.71 -1.47
CA ARG C 76 -12.22 14.91 -2.11
C ARG C 76 -13.31 15.57 -2.92
N ALA C 77 -13.56 16.84 -2.60
CA ALA C 77 -14.54 17.65 -3.32
C ALA C 77 -14.09 19.08 -3.34
N ASP C 78 -14.58 19.83 -4.32
CA ASP C 78 -14.32 21.26 -4.37
C ASP C 78 -15.65 21.99 -4.52
N ASN C 79 -15.58 23.30 -4.73
CA ASN C 79 -16.78 24.13 -4.84
CA ASN C 79 -16.79 24.14 -4.84
C ASN C 79 -17.56 23.89 -6.13
N ARG C 80 -17.00 23.08 -7.03
CA ARG C 80 -17.63 22.77 -8.32
C ARG C 80 -17.89 21.28 -8.53
N ARG C 81 -16.99 20.43 -8.03
CA ARG C 81 -16.99 19.02 -8.35
C ARG C 81 -16.74 18.08 -7.15
N LEU C 82 -17.38 16.93 -7.18
CA LEU C 82 -17.07 15.83 -6.29
C LEU C 82 -16.08 14.89 -7.00
N HIS C 83 -14.96 14.55 -6.38
CA HIS C 83 -13.91 13.79 -7.07
C HIS C 83 -13.73 12.34 -6.60
N THR C 84 -13.71 12.15 -5.29
CA THR C 84 -13.34 10.88 -4.66
C THR C 84 -14.28 10.59 -3.51
N LEU C 85 -14.68 9.34 -3.40
CA LEU C 85 -15.51 8.84 -2.34
C LEU C 85 -14.77 7.71 -1.65
N ALA C 87 -16.02 4.29 0.37
CA ALA C 87 -17.18 3.45 0.70
C ALA C 87 -16.85 2.47 1.83
N THR C 88 -17.84 2.21 2.67
CA THR C 88 -17.82 1.09 3.61
C THR C 88 -19.20 0.44 3.61
N ARG C 89 -19.30 -0.80 4.13
CA ARG C 89 -20.60 -1.47 4.24
CA ARG C 89 -20.62 -1.43 4.22
C ARG C 89 -21.29 -1.01 5.54
N VAL C 90 -22.61 -0.87 5.50
CA VAL C 90 -23.38 -0.49 6.69
C VAL C 90 -23.48 -1.67 7.65
N ASP D 10 12.23 -6.66 1.50
CA ASP D 10 13.10 -5.56 2.03
C ASP D 10 13.17 -5.51 3.55
N ASN D 11 14.39 -5.36 4.04
CA ASN D 11 14.61 -5.23 5.46
C ASN D 11 14.17 -3.88 5.97
N ILE D 12 14.22 -2.87 5.11
CA ILE D 12 13.79 -1.51 5.47
C ILE D 12 12.70 -1.10 4.50
N HIS D 13 11.50 -1.05 5.03
CA HIS D 13 10.28 -0.82 4.26
C HIS D 13 9.67 0.54 4.62
N ALA D 14 9.48 1.40 3.65
CA ALA D 14 8.88 2.70 3.93
C ALA D 14 7.38 2.51 4.01
N VAL D 15 6.83 2.81 5.17
CA VAL D 15 5.39 2.81 5.37
C VAL D 15 4.81 4.13 4.81
N SER D 16 5.49 5.23 5.09
CA SER D 16 5.24 6.51 4.51
C SER D 16 6.57 7.21 4.36
N SER D 17 6.62 8.44 3.87
CA SER D 17 7.92 9.02 3.46
C SER D 17 8.83 9.20 4.65
N GLU D 18 8.26 9.37 5.85
CA GLU D 18 9.06 9.58 7.06
C GLU D 18 8.89 8.51 8.14
N ARG D 19 8.49 7.32 7.77
CA ARG D 19 8.30 6.22 8.71
C ARG D 19 8.65 4.91 8.07
N TRP D 20 9.47 4.12 8.77
CA TRP D 20 10.04 2.88 8.20
C TRP D 20 9.79 1.71 9.10
N ARG D 21 9.40 0.61 8.49
CA ARG D 21 9.24 -0.68 9.17
C ARG D 21 10.51 -1.47 8.90
N ILE D 22 11.19 -1.86 9.97
CA ILE D 22 12.55 -2.43 9.87
C ILE D 22 12.66 -3.76 10.57
N HIS D 23 13.12 -4.76 9.85
CA HIS D 23 13.38 -6.06 10.47
C HIS D 23 14.48 -5.89 11.49
N ALA D 24 14.30 -6.48 12.64
CA ALA D 24 15.37 -6.47 13.64
C ALA D 24 16.71 -7.01 13.17
N ALA D 25 16.70 -7.98 12.25
CA ALA D 25 17.93 -8.62 11.76
C ALA D 25 18.69 -7.73 10.76
N THR D 26 18.13 -6.57 10.39
CA THR D 26 18.83 -5.67 9.50
C THR D 26 20.21 -5.32 10.07
N GLU D 27 21.22 -5.48 9.22
CA GLU D 27 22.60 -5.17 9.57
C GLU D 27 22.80 -3.68 9.83
N ILE D 28 23.57 -3.38 10.85
CA ILE D 28 23.82 -2.00 11.21
C ILE D 28 24.44 -1.21 10.06
N GLU D 29 25.38 -1.83 9.34
CA GLU D 29 25.93 -1.21 8.11
C GLU D 29 24.82 -0.69 7.15
N ASP D 30 23.77 -1.47 7.00
CA ASP D 30 22.67 -1.16 6.08
C ASP D 30 21.79 -0.05 6.59
N ILE D 31 21.59 0.01 7.92
CA ILE D 31 20.90 1.12 8.57
C ILE D 31 21.71 2.39 8.32
N ASN D 32 23.03 2.31 8.48
CA ASN D 32 23.92 3.48 8.30
C ASN D 32 23.92 4.01 6.87
N THR D 33 23.89 3.12 5.90
CA THR D 33 23.86 3.57 4.50
C THR D 33 22.51 4.20 4.18
N PHE D 34 21.45 3.56 4.66
CA PHE D 34 20.09 4.00 4.41
C PHE D 34 19.79 5.39 4.99
N PHE D 35 20.16 5.57 6.25
CA PHE D 35 19.87 6.78 7.00
C PHE D 35 20.99 7.85 7.06
N GLY D 36 22.23 7.49 6.69
CA GLY D 36 23.32 8.42 6.85
C GLY D 36 23.74 8.59 8.30
N THR D 37 23.64 7.49 9.03
CA THR D 37 24.01 7.40 10.42
C THR D 37 25.38 6.70 10.53
N GLU D 38 25.92 6.72 11.74
CA GLU D 38 27.22 6.16 12.03
C GLU D 38 27.17 5.31 13.26
N TYR D 39 26.16 4.46 13.33
CA TYR D 39 26.06 3.58 14.50
C TYR D 39 27.16 2.57 14.48
N SER D 40 27.64 2.27 15.66
CA SER D 40 28.75 1.35 15.81
C SER D 40 28.26 -0.06 15.70
N SER D 41 29.08 -0.92 15.10
CA SER D 41 28.82 -2.36 15.14
C SER D 41 29.80 -3.10 16.04
N GLU D 42 30.43 -2.37 16.95
CA GLU D 42 31.31 -3.00 17.92
C GLU D 42 30.60 -4.02 18.80
N GLU D 43 29.40 -3.73 19.25
CA GLU D 43 28.71 -4.58 20.22
C GLU D 43 27.46 -5.31 19.71
N ALA D 44 27.23 -5.22 18.40
CA ALA D 44 26.06 -5.83 17.76
C ALA D 44 26.29 -5.88 16.29
N ASP D 45 25.59 -6.81 15.63
CA ASP D 45 25.63 -6.93 14.17
C ASP D 45 24.42 -6.23 13.53
N THR D 46 23.30 -6.25 14.26
CA THR D 46 22.01 -5.91 13.73
C THR D 46 21.37 -4.77 14.51
N ILE D 47 20.40 -4.14 13.90
CA ILE D 47 19.70 -3.03 14.56
C ILE D 47 18.94 -3.48 15.84
N GLY D 48 18.34 -4.67 15.80
CA GLY D 48 17.73 -5.22 17.01
C GLY D 48 18.75 -5.36 18.14
N GLY D 49 19.92 -5.90 17.81
CA GLY D 49 21.00 -6.04 18.75
C GLY D 49 21.45 -4.71 19.29
N LEU D 50 21.55 -3.69 18.44
CA LEU D 50 21.91 -2.34 18.90
C LEU D 50 20.85 -1.78 19.87
N VAL D 51 19.57 -1.92 19.54
CA VAL D 51 18.50 -1.48 20.42
C VAL D 51 18.60 -2.12 21.83
N ILE D 52 18.80 -3.43 21.87
CA ILE D 52 18.93 -4.17 23.12
C ILE D 52 20.15 -3.71 23.90
N GLN D 53 21.27 -3.52 23.21
CA GLN D 53 22.45 -2.98 23.86
C GLN D 53 22.19 -1.61 24.45
N GLU D 54 21.54 -0.75 23.68
CA GLU D 54 21.26 0.61 24.14
C GLU D 54 20.34 0.63 25.35
N LEU D 55 19.34 -0.24 25.39
CA LEU D 55 18.37 -0.26 26.47
C LEU D 55 18.86 -1.13 27.63
N GLY D 56 19.83 -1.99 27.35
CA GLY D 56 20.37 -2.88 28.35
C GLY D 56 19.51 -4.11 28.56
N HIS D 57 18.37 -4.16 27.87
CA HIS D 57 17.35 -5.17 28.12
C HIS D 57 16.43 -5.35 26.92
N LEU D 58 16.01 -6.58 26.69
CA LEU D 58 15.13 -6.89 25.56
C LEU D 58 13.76 -6.23 25.73
N PRO D 59 13.47 -5.26 24.87
CA PRO D 59 12.31 -4.38 25.06
C PRO D 59 10.97 -5.04 24.66
N VAL D 60 9.87 -4.35 24.96
CA VAL D 60 8.52 -4.86 24.70
C VAL D 60 7.82 -4.02 23.67
N ARG D 61 6.73 -4.55 23.11
CA ARG D 61 6.01 -3.83 22.09
C ARG D 61 5.59 -2.46 22.61
N GLY D 62 5.86 -1.42 21.80
CA GLY D 62 5.50 -0.06 22.14
C GLY D 62 6.61 0.69 22.84
N GLU D 63 7.68 0.01 23.23
CA GLU D 63 8.81 0.69 23.87
C GLU D 63 9.58 1.41 22.76
N LYS D 64 10.09 2.59 23.12
CA LYS D 64 10.80 3.44 22.14
C LYS D 64 12.19 3.71 22.68
N VAL D 65 13.18 3.73 21.77
CA VAL D 65 14.53 4.10 22.10
C VAL D 65 15.06 5.11 21.06
N LEU D 66 15.69 6.15 21.57
CA LEU D 66 16.29 7.16 20.73
C LEU D 66 17.75 6.82 20.55
N ILE D 67 18.20 6.72 19.31
CA ILE D 67 19.63 6.46 19.02
C ILE D 67 20.05 7.41 17.92
N GLY D 68 20.91 8.32 18.30
CA GLY D 68 21.29 9.41 17.44
C GLY D 68 20.02 10.12 17.06
N GLY D 69 19.84 10.35 15.77
CA GLY D 69 18.70 11.12 15.31
C GLY D 69 17.48 10.31 14.93
N LEU D 70 17.41 9.04 15.33
CA LEU D 70 16.28 8.18 15.01
C LEU D 70 15.64 7.66 16.26
N GLN D 71 14.31 7.58 16.24
CA GLN D 71 13.54 6.97 17.29
C GLN D 71 13.04 5.62 16.77
N PHE D 72 13.38 4.57 17.49
CA PHE D 72 12.92 3.22 17.18
C PHE D 72 11.82 2.88 18.17
N THR D 73 10.70 2.45 17.63
CA THR D 73 9.60 1.90 18.43
C THR D 73 9.48 0.40 18.16
N VAL D 74 9.40 -0.40 19.22
CA VAL D 74 9.27 -1.85 19.07
C VAL D 74 7.87 -2.17 18.56
N ALA D 75 7.82 -2.81 17.40
CA ALA D 75 6.52 -3.17 16.79
C ALA D 75 6.11 -4.61 17.04
N ARG D 76 7.08 -5.50 17.08
CA ARG D 76 6.83 -6.91 17.35
C ARG D 76 8.02 -7.46 18.10
N ALA D 77 7.74 -8.07 19.24
CA ALA D 77 8.75 -8.70 20.08
C ALA D 77 8.06 -9.77 20.84
N ASP D 78 8.84 -10.77 21.26
CA ASP D 78 8.37 -11.81 22.13
C ASP D 78 9.43 -12.03 23.20
N ASN D 79 9.13 -12.90 24.16
CA ASN D 79 10.02 -13.16 25.28
C ASN D 79 11.45 -13.57 24.89
N ARG D 80 11.61 -14.08 23.68
CA ARG D 80 12.91 -14.55 23.20
C ARG D 80 13.63 -13.47 22.40
N ARG D 81 12.91 -12.87 21.44
CA ARG D 81 13.50 -12.06 20.41
C ARG D 81 12.73 -10.76 20.11
N LEU D 82 13.48 -9.78 19.63
CA LEU D 82 12.92 -8.60 18.97
C LEU D 82 12.84 -8.88 17.49
N HIS D 83 11.69 -8.63 16.86
CA HIS D 83 11.57 -9.00 15.45
C HIS D 83 11.40 -7.80 14.54
N THR D 84 10.66 -6.80 15.00
N THR D 84 10.61 -6.81 14.94
CA THR D 84 10.41 -5.65 14.13
CA THR D 84 10.38 -5.66 14.03
C THR D 84 10.43 -4.33 14.88
C THR D 84 10.26 -4.32 14.77
N LEU D 85 10.91 -3.31 14.18
CA LEU D 85 10.96 -1.96 14.72
C LEU D 85 10.27 -1.01 13.76
N ALA D 87 10.75 3.00 12.68
CA ALA D 87 11.69 4.12 12.89
C ALA D 87 11.10 5.40 12.38
N THR D 88 11.34 6.47 13.11
CA THR D 88 11.12 7.81 12.57
C THR D 88 12.29 8.71 12.98
N ARG D 89 12.39 9.87 12.34
CA ARG D 89 13.39 10.86 12.74
C ARG D 89 12.96 11.59 14.00
N VAL D 90 13.94 12.03 14.75
CA VAL D 90 13.68 12.91 15.90
C VAL D 90 13.33 14.33 15.43
#